data_7KGQ
#
_entry.id   7KGQ
#
_cell.length_a   60.157
_cell.length_b   79.714
_cell.length_c   111.471
_cell.angle_alpha   90.000
_cell.angle_beta   90.000
_cell.angle_gamma   90.000
#
_symmetry.space_group_name_H-M   'P 21 21 21'
#
loop_
_entity.id
_entity.type
_entity.pdbx_description
1 polymer 'MHC class I antigen'
2 polymer Beta-2-microglobulin
3 polymer Nucleoprotein
4 non-polymer 'CADMIUM ION'
5 non-polymer 'CALCIUM ION'
6 non-polymer 1,2-ETHANEDIOL
7 water water
#
loop_
_entity_poly.entity_id
_entity_poly.type
_entity_poly.pdbx_seq_one_letter_code
_entity_poly.pdbx_strand_id
1 'polypeptide(L)'
;GSHSMRYFFTSVSRPGRGEPRFIAVGYVDDTQFVRFDSDAASQRMEPRAPWIEQEGPEYWDGETRKVKAHSQTHRVDLGT
LRGYYNQSEAGSHTVQRMYGCDVGSDWRFLRGYHQYAYDGKDYIALKEDLRSWTAADMAAQTTKHKWEAAHVAEQLRAYL
EGTCVEWLRRYLENGKETLQRTDAPKTHMTHHAVSDHEATLRCWALSFYPAEITLTWQRDGEDQTQDTELVETRPAGDGT
FQKWVAVVVPSGQEQRYTCHVQHEGLPKPLTLRWEPSS
;
A
2 'polypeptide(L)'
;IQRTPKIQVYSRHPAENGKSNFLNCYVSGFHPSDIEVDLLKNGERIEKVEHSDLSFSKDWSFYLLYYTEFTPTEKDEYAC
RVNHVTLSQPKIVKWDRDM
;
B
3 'polypeptide(L)' LLLDRLNQL C
#
loop_
_chem_comp.id
_chem_comp.type
_chem_comp.name
_chem_comp.formula
CA non-polymer 'CALCIUM ION' 'Ca 2'
CD non-polymer 'CADMIUM ION' 'Cd 2'
EDO non-polymer 1,2-ETHANEDIOL 'C2 H6 O2'
#
# COMPACT_ATOMS: atom_id res chain seq x y z
N GLY A 1 -0.64 -11.51 17.89
CA GLY A 1 -1.62 -10.53 17.45
C GLY A 1 -2.46 -11.06 16.31
N SER A 2 -3.26 -10.17 15.72
CA SER A 2 -4.16 -10.50 14.61
CA SER A 2 -4.16 -10.50 14.61
C SER A 2 -3.38 -10.51 13.28
N HIS A 3 -3.91 -11.24 12.27
CA HIS A 3 -3.23 -11.32 10.98
C HIS A 3 -4.21 -11.32 9.84
N SER A 4 -3.70 -11.05 8.65
CA SER A 4 -4.53 -11.03 7.46
CA SER A 4 -4.53 -11.03 7.46
C SER A 4 -3.80 -11.54 6.24
N MET A 5 -4.58 -12.03 5.26
CA MET A 5 -4.07 -12.36 3.96
C MET A 5 -4.93 -11.57 2.97
N ARG A 6 -4.30 -10.86 2.04
CA ARG A 6 -5.04 -10.05 1.07
CA ARG A 6 -5.06 -10.08 1.08
C ARG A 6 -4.43 -10.16 -0.29
N TYR A 7 -5.28 -10.25 -1.34
CA TYR A 7 -4.85 -10.21 -2.71
C TYR A 7 -5.50 -8.98 -3.36
N PHE A 8 -4.69 -8.29 -4.17
CA PHE A 8 -5.06 -7.06 -4.87
C PHE A 8 -4.81 -7.25 -6.34
N PHE A 9 -5.80 -6.90 -7.16
CA PHE A 9 -5.70 -7.08 -8.61
C PHE A 9 -6.13 -5.81 -9.30
N THR A 10 -5.36 -5.37 -10.28
CA THR A 10 -5.71 -4.22 -11.11
C THR A 10 -5.60 -4.60 -12.57
N SER A 11 -6.61 -4.26 -13.38
CA SER A 11 -6.54 -4.43 -14.83
CA SER A 11 -6.55 -4.46 -14.81
C SER A 11 -6.87 -3.12 -15.47
N VAL A 12 -6.01 -2.69 -16.42
CA VAL A 12 -6.20 -1.40 -17.10
C VAL A 12 -6.31 -1.67 -18.59
N SER A 13 -7.44 -1.30 -19.22
CA SER A 13 -7.61 -1.59 -20.62
C SER A 13 -6.68 -0.71 -21.49
N ARG A 14 -6.32 -1.29 -22.65
CA ARG A 14 -5.42 -0.65 -23.62
CA ARG A 14 -5.41 -0.66 -23.63
C ARG A 14 -6.10 -0.61 -24.98
N PRO A 15 -6.99 0.39 -25.17
CA PRO A 15 -7.77 0.50 -26.43
C PRO A 15 -6.94 0.62 -27.70
N GLY A 16 -5.76 1.19 -27.61
CA GLY A 16 -4.87 1.38 -28.76
C GLY A 16 -4.43 0.07 -29.39
N ARG A 17 -3.97 -0.87 -28.54
CA ARG A 17 -3.53 -2.16 -29.02
C ARG A 17 -3.40 -3.14 -27.87
N GLY A 18 -3.82 -4.35 -28.10
CA GLY A 18 -3.55 -5.42 -27.16
C GLY A 18 -4.48 -5.60 -25.99
N GLU A 19 -4.03 -6.42 -25.04
CA GLU A 19 -4.77 -6.81 -23.87
CA GLU A 19 -4.85 -6.77 -23.91
C GLU A 19 -4.57 -5.86 -22.71
N PRO A 20 -5.46 -5.89 -21.68
CA PRO A 20 -5.24 -5.01 -20.54
C PRO A 20 -3.92 -5.29 -19.79
N ARG A 21 -3.38 -4.27 -19.14
CA ARG A 21 -2.26 -4.46 -18.22
C ARG A 21 -2.85 -5.04 -16.95
N PHE A 22 -2.32 -6.14 -16.46
CA PHE A 22 -2.83 -6.80 -15.26
C PHE A 22 -1.74 -7.00 -14.26
N ILE A 23 -1.97 -6.52 -13.01
CA ILE A 23 -1.00 -6.68 -11.92
C ILE A 23 -1.71 -7.27 -10.72
N ALA A 24 -1.19 -8.37 -10.18
CA ALA A 24 -1.73 -9.02 -9.00
C ALA A 24 -0.66 -9.05 -7.93
N VAL A 25 -1.02 -8.74 -6.68
CA VAL A 25 -0.08 -8.84 -5.58
C VAL A 25 -0.77 -9.54 -4.43
N GLY A 26 -0.02 -10.33 -3.66
CA GLY A 26 -0.53 -10.98 -2.46
C GLY A 26 0.27 -10.55 -1.25
N TYR A 27 -0.44 -10.33 -0.13
CA TYR A 27 0.18 -9.91 1.11
C TYR A 27 -0.27 -10.79 2.26
N VAL A 28 0.65 -11.00 3.23
CA VAL A 28 0.33 -11.50 4.56
C VAL A 28 0.66 -10.31 5.44
N ASP A 29 -0.33 -9.79 6.14
CA ASP A 29 -0.13 -8.58 6.95
C ASP A 29 0.45 -7.51 6.03
N ASP A 30 1.58 -6.86 6.39
CA ASP A 30 2.17 -5.83 5.54
C ASP A 30 3.35 -6.32 4.71
N THR A 31 3.40 -7.63 4.47
CA THR A 31 4.49 -8.26 3.72
C THR A 31 3.97 -8.80 2.38
N GLN A 32 4.47 -8.26 1.29
CA GLN A 32 4.14 -8.78 -0.03
C GLN A 32 4.83 -10.15 -0.18
N PHE A 33 4.14 -11.16 -0.70
CA PHE A 33 4.78 -12.46 -0.83
C PHE A 33 4.70 -13.06 -2.23
N VAL A 34 3.76 -12.58 -3.11
CA VAL A 34 3.66 -13.05 -4.47
C VAL A 34 3.31 -11.90 -5.36
N ARG A 35 3.60 -12.06 -6.64
CA ARG A 35 3.18 -11.09 -7.64
C ARG A 35 2.98 -11.74 -8.98
N PHE A 36 2.14 -11.11 -9.81
CA PHE A 36 2.06 -11.46 -11.22
C PHE A 36 1.94 -10.16 -11.97
N ASP A 37 2.67 -9.99 -13.07
CA ASP A 37 2.51 -8.82 -13.91
C ASP A 37 2.41 -9.31 -15.34
N SER A 38 1.32 -9.01 -16.04
CA SER A 38 1.17 -9.44 -17.43
C SER A 38 2.28 -8.92 -18.33
N ASP A 39 2.96 -7.83 -17.97
CA ASP A 39 4.09 -7.30 -18.76
C ASP A 39 5.43 -7.98 -18.46
N ALA A 40 5.52 -8.77 -17.40
CA ALA A 40 6.77 -9.42 -17.03
C ALA A 40 7.04 -10.65 -17.93
N ALA A 41 8.31 -11.07 -17.98
CA ALA A 41 8.74 -12.14 -18.88
C ALA A 41 8.30 -13.50 -18.46
N SER A 42 8.23 -13.80 -17.17
CA SER A 42 7.98 -15.16 -16.74
C SER A 42 6.61 -15.69 -17.11
N GLN A 43 5.56 -14.80 -17.09
CA GLN A 43 4.18 -15.23 -17.23
C GLN A 43 3.83 -16.26 -16.17
N ARG A 44 4.45 -16.11 -14.97
CA ARG A 44 4.15 -16.99 -13.87
C ARG A 44 3.88 -16.17 -12.62
N MET A 45 3.18 -16.76 -11.66
CA MET A 45 3.13 -16.15 -10.34
C MET A 45 4.57 -16.27 -9.78
N GLU A 46 5.11 -15.18 -9.21
CA GLU A 46 6.48 -15.14 -8.72
C GLU A 46 6.55 -14.91 -7.22
N PRO A 47 7.57 -15.47 -6.56
CA PRO A 47 7.74 -15.25 -5.13
C PRO A 47 8.34 -13.87 -4.87
N ARG A 48 7.93 -13.29 -3.71
CA ARG A 48 8.45 -12.01 -3.26
CA ARG A 48 8.45 -12.00 -3.25
C ARG A 48 8.86 -12.04 -1.78
N ALA A 49 8.79 -13.21 -1.15
CA ALA A 49 9.24 -13.35 0.25
C ALA A 49 9.99 -14.67 0.35
N PRO A 50 11.05 -14.79 1.18
CA PRO A 50 11.79 -16.05 1.19
C PRO A 50 11.01 -17.27 1.64
N TRP A 51 10.02 -17.10 2.53
CA TRP A 51 9.26 -18.19 3.12
C TRP A 51 8.24 -18.81 2.15
N ILE A 52 7.96 -18.15 1.02
CA ILE A 52 7.03 -18.77 0.06
C ILE A 52 7.80 -19.62 -0.96
N GLU A 53 9.12 -19.41 -1.08
CA GLU A 53 9.95 -20.12 -2.07
C GLU A 53 9.99 -21.64 -1.87
N GLN A 54 9.75 -22.11 -0.64
CA GLN A 54 9.75 -23.54 -0.33
C GLN A 54 8.55 -24.24 -0.93
N GLU A 55 7.46 -23.49 -1.29
CA GLU A 55 6.31 -24.14 -1.92
C GLU A 55 6.77 -24.85 -3.20
N GLY A 56 6.21 -26.04 -3.42
CA GLY A 56 6.57 -26.90 -4.53
C GLY A 56 6.01 -26.51 -5.89
N PRO A 57 6.34 -27.30 -6.93
CA PRO A 57 5.88 -26.99 -8.28
C PRO A 57 4.38 -26.95 -8.49
N GLU A 58 3.62 -27.80 -7.77
CA GLU A 58 2.18 -27.86 -7.87
C GLU A 58 1.59 -26.51 -7.41
N TYR A 59 2.19 -25.92 -6.37
CA TYR A 59 1.74 -24.63 -5.87
C TYR A 59 1.95 -23.56 -6.94
N TRP A 60 3.18 -23.42 -7.48
CA TRP A 60 3.51 -22.40 -8.47
C TRP A 60 2.72 -22.58 -9.78
N ASP A 61 2.56 -23.83 -10.23
CA ASP A 61 1.80 -24.05 -11.46
C ASP A 61 0.32 -23.71 -11.24
N GLY A 62 -0.20 -24.10 -10.08
CA GLY A 62 -1.59 -23.83 -9.72
C GLY A 62 -1.86 -22.34 -9.59
N GLU A 63 -0.97 -21.61 -8.90
CA GLU A 63 -1.20 -20.16 -8.72
C GLU A 63 -1.02 -19.44 -10.02
N THR A 64 -0.13 -19.93 -10.92
CA THR A 64 -0.01 -19.31 -12.23
C THR A 64 -1.30 -19.51 -13.05
N ARG A 65 -1.82 -20.75 -13.04
CA ARG A 65 -3.06 -21.00 -13.80
C ARG A 65 -4.19 -20.10 -13.29
N LYS A 66 -4.35 -20.04 -11.96
CA LYS A 66 -5.44 -19.27 -11.37
C LYS A 66 -5.27 -17.78 -11.59
N VAL A 67 -4.05 -17.25 -11.48
CA VAL A 67 -3.89 -15.81 -11.66
C VAL A 67 -4.10 -15.40 -13.12
N LYS A 68 -3.70 -16.26 -14.07
CA LYS A 68 -3.97 -15.96 -15.49
C LYS A 68 -5.47 -16.04 -15.75
N ALA A 69 -6.19 -16.97 -15.08
CA ALA A 69 -7.64 -17.04 -15.25
C ALA A 69 -8.28 -15.78 -14.65
N HIS A 70 -7.72 -15.28 -13.50
CA HIS A 70 -8.26 -14.00 -12.95
C HIS A 70 -8.07 -12.89 -13.97
N SER A 71 -6.90 -12.84 -14.65
CA SER A 71 -6.67 -11.77 -15.63
C SER A 71 -7.70 -11.83 -16.78
N GLN A 72 -8.07 -13.06 -17.20
CA GLN A 72 -9.06 -13.16 -18.29
C GLN A 72 -10.45 -12.75 -17.81
N THR A 73 -10.80 -13.09 -16.55
CA THR A 73 -12.09 -12.62 -16.03
C THR A 73 -12.13 -11.09 -16.04
N HIS A 74 -11.03 -10.42 -15.61
CA HIS A 74 -11.01 -8.96 -15.63
CA HIS A 74 -11.05 -8.97 -15.60
C HIS A 74 -11.10 -8.40 -17.04
N ARG A 75 -10.45 -9.09 -18.00
CA ARG A 75 -10.51 -8.63 -19.38
C ARG A 75 -11.98 -8.66 -19.86
N VAL A 76 -12.66 -9.78 -19.60
CA VAL A 76 -14.08 -9.88 -20.01
C VAL A 76 -14.92 -8.81 -19.30
N ASP A 77 -14.66 -8.61 -18.00
CA ASP A 77 -15.42 -7.63 -17.23
C ASP A 77 -15.25 -6.23 -17.77
N LEU A 78 -14.02 -5.84 -18.17
CA LEU A 78 -13.84 -4.51 -18.75
C LEU A 78 -14.77 -4.30 -19.97
N GLY A 79 -14.90 -5.34 -20.81
CA GLY A 79 -15.81 -5.27 -21.96
C GLY A 79 -17.26 -5.15 -21.51
N THR A 80 -17.68 -6.00 -20.56
CA THR A 80 -19.05 -5.94 -20.03
C THR A 80 -19.39 -4.57 -19.48
N LEU A 81 -18.49 -3.99 -18.68
CA LEU A 81 -18.71 -2.70 -18.04
C LEU A 81 -18.80 -1.58 -19.04
N ARG A 82 -17.97 -1.63 -20.10
CA ARG A 82 -18.03 -0.62 -21.15
CA ARG A 82 -18.03 -0.62 -21.15
C ARG A 82 -19.46 -0.63 -21.74
N GLY A 83 -20.04 -1.82 -21.86
CA GLY A 83 -21.43 -1.98 -22.35
C GLY A 83 -22.45 -1.49 -21.33
N TYR A 84 -22.33 -1.91 -20.06
CA TYR A 84 -23.27 -1.48 -19.00
C TYR A 84 -23.30 0.05 -18.85
N TYR A 85 -22.16 0.73 -19.02
CA TYR A 85 -22.09 2.19 -18.85
C TYR A 85 -22.16 2.99 -20.17
N ASN A 86 -22.43 2.28 -21.30
CA ASN A 86 -22.56 2.88 -22.63
C ASN A 86 -21.36 3.76 -22.98
N GLN A 87 -20.15 3.21 -22.74
CA GLN A 87 -18.90 3.92 -22.99
C GLN A 87 -18.29 3.53 -24.31
N SER A 88 -17.50 4.45 -24.86
CA SER A 88 -16.75 4.32 -26.09
C SER A 88 -15.66 3.25 -25.98
N GLU A 89 -15.29 2.66 -27.12
CA GLU A 89 -14.20 1.69 -27.22
C GLU A 89 -12.84 2.42 -27.14
N ALA A 90 -12.82 3.77 -27.20
CA ALA A 90 -11.60 4.55 -27.30
C ALA A 90 -10.86 4.88 -25.99
N GLY A 91 -11.54 4.85 -24.84
CA GLY A 91 -10.89 5.21 -23.59
C GLY A 91 -10.36 4.03 -22.80
N SER A 92 -9.38 4.27 -21.93
CA SER A 92 -8.84 3.26 -21.04
C SER A 92 -9.67 3.29 -19.76
N HIS A 93 -9.95 2.12 -19.24
CA HIS A 93 -10.74 1.99 -17.97
C HIS A 93 -10.05 1.00 -17.07
N THR A 94 -10.44 1.01 -15.78
CA THR A 94 -9.77 0.15 -14.81
C THR A 94 -10.73 -0.65 -14.00
N VAL A 95 -10.41 -1.90 -13.72
CA VAL A 95 -11.14 -2.67 -12.72
C VAL A 95 -10.14 -3.02 -11.61
N GLN A 96 -10.59 -3.01 -10.37
CA GLN A 96 -9.80 -3.39 -9.21
C GLN A 96 -10.57 -4.37 -8.38
N ARG A 97 -9.88 -5.36 -7.81
CA ARG A 97 -10.52 -6.36 -6.97
C ARG A 97 -9.62 -6.61 -5.78
N MET A 98 -10.20 -6.73 -4.59
CA MET A 98 -9.46 -7.12 -3.41
C MET A 98 -10.24 -8.21 -2.70
N TYR A 99 -9.57 -9.24 -2.23
CA TYR A 99 -10.25 -10.21 -1.39
C TYR A 99 -9.27 -10.77 -0.37
N GLY A 100 -9.80 -11.33 0.70
CA GLY A 100 -8.93 -11.94 1.71
C GLY A 100 -9.64 -12.11 3.02
N CYS A 101 -8.86 -12.49 4.02
CA CYS A 101 -9.39 -12.85 5.33
C CYS A 101 -8.54 -12.33 6.46
N ASP A 102 -9.18 -12.15 7.62
CA ASP A 102 -8.55 -11.71 8.86
C ASP A 102 -8.73 -12.82 9.88
N VAL A 103 -7.70 -13.06 10.69
CA VAL A 103 -7.75 -14.00 11.84
C VAL A 103 -7.33 -13.22 13.07
N GLY A 104 -7.81 -13.69 14.23
CA GLY A 104 -7.42 -13.04 15.49
C GLY A 104 -6.15 -13.62 16.07
N SER A 105 -5.86 -13.26 17.36
CA SER A 105 -4.65 -13.74 18.05
CA SER A 105 -4.66 -13.74 18.07
C SER A 105 -4.59 -15.27 18.16
N ASP A 106 -5.76 -15.95 18.17
CA ASP A 106 -5.88 -17.41 18.22
C ASP A 106 -5.84 -18.06 16.82
N TRP A 107 -5.64 -17.23 15.76
CA TRP A 107 -5.56 -17.61 14.35
C TRP A 107 -6.91 -18.19 13.80
N ARG A 108 -8.00 -17.91 14.49
CA ARG A 108 -9.32 -18.32 14.03
C ARG A 108 -9.93 -17.19 13.19
N PHE A 109 -10.74 -17.59 12.21
CA PHE A 109 -11.43 -16.65 11.32
C PHE A 109 -12.11 -15.52 12.08
N LEU A 110 -11.88 -14.26 11.64
CA LEU A 110 -12.52 -13.08 12.19
C LEU A 110 -13.47 -12.47 11.14
N ARG A 111 -12.95 -12.25 9.90
CA ARG A 111 -13.77 -11.64 8.86
C ARG A 111 -13.19 -11.91 7.48
N GLY A 112 -14.05 -11.83 6.47
CA GLY A 112 -13.66 -12.03 5.09
C GLY A 112 -14.15 -10.90 4.23
N TYR A 113 -13.51 -10.71 3.05
CA TYR A 113 -13.83 -9.62 2.14
C TYR A 113 -13.71 -10.05 0.73
N HIS A 114 -14.50 -9.42 -0.13
CA HIS A 114 -14.36 -9.54 -1.57
C HIS A 114 -15.00 -8.29 -2.15
N GLN A 115 -14.21 -7.33 -2.63
CA GLN A 115 -14.66 -6.00 -3.09
CA GLN A 115 -14.82 -6.14 -3.18
C GLN A 115 -14.23 -5.78 -4.53
N TYR A 116 -15.04 -5.09 -5.33
CA TYR A 116 -14.71 -4.79 -6.72
C TYR A 116 -15.05 -3.36 -7.04
N ALA A 117 -14.21 -2.70 -7.84
CA ALA A 117 -14.39 -1.33 -8.26
C ALA A 117 -14.19 -1.18 -9.74
N TYR A 118 -14.91 -0.19 -10.32
CA TYR A 118 -14.75 0.18 -11.70
C TYR A 118 -14.40 1.66 -11.72
N ASP A 119 -13.32 2.00 -12.43
CA ASP A 119 -12.81 3.36 -12.55
C ASP A 119 -12.67 4.06 -11.19
N GLY A 120 -12.21 3.29 -10.21
CA GLY A 120 -11.88 3.84 -8.90
C GLY A 120 -13.05 4.08 -7.99
N LYS A 121 -14.21 3.53 -8.32
CA LYS A 121 -15.39 3.71 -7.47
C LYS A 121 -15.95 2.35 -7.17
N ASP A 122 -16.55 2.22 -5.97
CA ASP A 122 -17.22 0.98 -5.57
C ASP A 122 -18.17 0.52 -6.66
N TYR A 123 -18.14 -0.78 -6.97
CA TYR A 123 -19.06 -1.42 -7.90
C TYR A 123 -19.91 -2.42 -7.12
N ILE A 124 -19.31 -3.53 -6.68
CA ILE A 124 -20.03 -4.52 -5.90
C ILE A 124 -19.10 -5.06 -4.81
N ALA A 125 -19.64 -5.38 -3.65
CA ALA A 125 -18.87 -5.90 -2.53
C ALA A 125 -19.68 -6.94 -1.78
N LEU A 126 -19.02 -7.98 -1.31
CA LEU A 126 -19.65 -8.98 -0.45
C LEU A 126 -19.77 -8.35 0.94
N LYS A 127 -20.94 -8.49 1.56
CA LYS A 127 -21.16 -7.94 2.90
C LYS A 127 -20.45 -8.80 3.94
N GLU A 128 -20.30 -8.31 5.16
CA GLU A 128 -19.57 -9.03 6.21
C GLU A 128 -20.22 -10.37 6.57
N ASP A 129 -21.53 -10.52 6.31
CA ASP A 129 -22.21 -11.79 6.57
C ASP A 129 -21.78 -12.91 5.63
N LEU A 130 -21.03 -12.56 4.55
CA LEU A 130 -20.56 -13.48 3.50
C LEU A 130 -21.70 -14.17 2.79
N ARG A 131 -22.86 -13.50 2.77
CA ARG A 131 -24.06 -14.03 2.15
C ARG A 131 -24.69 -13.03 1.19
N SER A 132 -24.55 -11.73 1.51
CA SER A 132 -25.25 -10.62 0.87
C SER A 132 -24.30 -9.76 0.05
N TRP A 133 -24.88 -8.92 -0.84
CA TRP A 133 -24.07 -8.07 -1.71
C TRP A 133 -24.47 -6.63 -1.61
N THR A 134 -23.50 -5.72 -1.66
CA THR A 134 -23.70 -4.28 -1.74
C THR A 134 -23.44 -3.89 -3.17
N ALA A 135 -24.47 -3.48 -3.91
CA ALA A 135 -24.35 -3.00 -5.28
C ALA A 135 -24.49 -1.48 -5.26
N ALA A 136 -23.50 -0.73 -5.81
CA ALA A 136 -23.50 0.72 -5.68
C ALA A 136 -24.48 1.44 -6.63
N ASP A 137 -24.78 0.85 -7.77
CA ASP A 137 -25.63 1.43 -8.81
C ASP A 137 -26.39 0.37 -9.55
N MET A 138 -27.16 0.76 -10.60
CA MET A 138 -28.01 -0.21 -11.28
C MET A 138 -27.24 -1.20 -12.14
N ALA A 139 -26.03 -0.84 -12.62
CA ALA A 139 -25.22 -1.81 -13.34
C ALA A 139 -24.79 -2.90 -12.35
N ALA A 140 -24.30 -2.48 -11.18
CA ALA A 140 -23.93 -3.47 -10.16
C ALA A 140 -25.11 -4.25 -9.64
N GLN A 141 -26.34 -3.66 -9.69
CA GLN A 141 -27.53 -4.41 -9.28
C GLN A 141 -27.80 -5.59 -10.25
N THR A 142 -27.49 -5.39 -11.54
CA THR A 142 -27.61 -6.45 -12.56
C THR A 142 -26.62 -7.56 -12.20
N THR A 143 -25.36 -7.20 -11.86
CA THR A 143 -24.38 -8.19 -11.44
C THR A 143 -24.85 -8.91 -10.17
N LYS A 144 -25.44 -8.17 -9.22
CA LYS A 144 -25.89 -8.77 -7.97
C LYS A 144 -26.93 -9.85 -8.24
N HIS A 145 -27.93 -9.55 -9.09
CA HIS A 145 -28.95 -10.58 -9.37
C HIS A 145 -28.32 -11.81 -10.07
N LYS A 146 -27.32 -11.60 -10.94
CA LYS A 146 -26.63 -12.69 -11.61
C LYS A 146 -25.85 -13.55 -10.59
N TRP A 147 -25.15 -12.90 -9.66
CA TRP A 147 -24.32 -13.63 -8.68
C TRP A 147 -25.18 -14.30 -7.61
N GLU A 148 -26.36 -13.78 -7.33
CA GLU A 148 -27.25 -14.52 -6.41
C GLU A 148 -27.65 -15.84 -7.13
N ALA A 149 -28.02 -15.73 -8.40
CA ALA A 149 -28.44 -16.95 -9.14
C ALA A 149 -27.35 -18.02 -9.33
N ALA A 150 -26.09 -17.60 -9.30
CA ALA A 150 -24.94 -18.46 -9.51
C ALA A 150 -24.22 -18.91 -8.22
N HIS A 151 -24.81 -18.74 -7.03
CA HIS A 151 -24.27 -19.28 -5.78
C HIS A 151 -22.88 -18.72 -5.47
N VAL A 152 -22.59 -17.50 -5.95
CA VAL A 152 -21.24 -16.92 -5.81
C VAL A 152 -20.89 -16.66 -4.38
N ALA A 153 -21.77 -16.04 -3.59
CA ALA A 153 -21.41 -15.78 -2.20
C ALA A 153 -21.10 -17.07 -1.45
N GLU A 154 -21.82 -18.17 -1.77
CA GLU A 154 -21.54 -19.46 -1.10
C GLU A 154 -20.10 -19.91 -1.37
N GLN A 155 -19.66 -19.78 -2.63
CA GLN A 155 -18.31 -20.18 -3.03
C GLN A 155 -17.29 -19.29 -2.33
N LEU A 156 -17.58 -17.99 -2.26
CA LEU A 156 -16.65 -17.06 -1.59
C LEU A 156 -16.59 -17.31 -0.10
N ARG A 157 -17.73 -17.49 0.58
CA ARG A 157 -17.73 -17.81 1.99
C ARG A 157 -16.94 -19.09 2.27
N ALA A 158 -17.09 -20.13 1.44
CA ALA A 158 -16.35 -21.37 1.66
C ALA A 158 -14.85 -21.12 1.59
N TYR A 159 -14.40 -20.31 0.62
CA TYR A 159 -12.97 -19.98 0.51
C TYR A 159 -12.52 -19.12 1.68
N LEU A 160 -13.27 -18.08 2.01
CA LEU A 160 -12.83 -17.12 3.05
C LEU A 160 -12.71 -17.72 4.44
N GLU A 161 -13.64 -18.62 4.79
CA GLU A 161 -13.63 -19.26 6.11
C GLU A 161 -12.81 -20.54 6.11
N GLY A 162 -12.46 -21.05 4.94
CA GLY A 162 -11.75 -22.31 4.78
C GLY A 162 -10.33 -22.14 4.26
N THR A 163 -10.16 -22.29 2.94
CA THR A 163 -8.88 -22.18 2.26
C THR A 163 -8.08 -20.95 2.71
N CYS A 164 -8.70 -19.77 2.68
CA CYS A 164 -8.00 -18.54 2.98
C CYS A 164 -7.32 -18.61 4.36
N VAL A 165 -8.09 -18.97 5.40
CA VAL A 165 -7.55 -19.03 6.74
C VAL A 165 -6.55 -20.18 6.90
N GLU A 166 -6.78 -21.30 6.24
CA GLU A 166 -5.88 -22.45 6.34
C GLU A 166 -4.53 -22.11 5.75
N TRP A 167 -4.52 -21.48 4.58
CA TRP A 167 -3.27 -21.10 3.95
C TRP A 167 -2.58 -19.93 4.67
N LEU A 168 -3.36 -18.97 5.21
CA LEU A 168 -2.75 -17.92 6.03
C LEU A 168 -2.01 -18.56 7.22
N ARG A 169 -2.65 -19.51 7.93
CA ARG A 169 -1.94 -20.17 9.04
C ARG A 169 -0.67 -20.89 8.57
N ARG A 170 -0.71 -21.54 7.41
CA ARG A 170 0.48 -22.19 6.86
C ARG A 170 1.60 -21.16 6.63
N TYR A 171 1.28 -20.04 5.99
CA TYR A 171 2.30 -19.02 5.72
C TYR A 171 2.84 -18.43 7.01
N LEU A 172 1.98 -18.18 8.00
CA LEU A 172 2.44 -17.61 9.28
C LEU A 172 3.45 -18.53 9.97
N GLU A 173 3.24 -19.83 9.85
CA GLU A 173 4.15 -20.83 10.41
CA GLU A 173 4.14 -20.84 10.42
C GLU A 173 5.43 -20.88 9.61
N ASN A 174 5.34 -21.00 8.28
CA ASN A 174 6.53 -21.08 7.44
C ASN A 174 7.39 -19.85 7.48
N GLY A 175 6.75 -18.69 7.62
CA GLY A 175 7.48 -17.42 7.69
C GLY A 175 7.58 -16.88 9.09
N LYS A 176 7.46 -17.73 10.12
CA LYS A 176 7.45 -17.27 11.52
C LYS A 176 8.57 -16.32 11.91
N GLU A 177 9.79 -16.58 11.41
CA GLU A 177 10.94 -15.76 11.80
C GLU A 177 10.75 -14.28 11.55
N THR A 178 9.99 -13.92 10.49
CA THR A 178 9.70 -12.52 10.18
C THR A 178 8.25 -12.18 10.40
N LEU A 179 7.33 -13.04 9.90
CA LEU A 179 5.92 -12.70 9.99
C LEU A 179 5.39 -12.57 11.40
N GLN A 180 5.94 -13.38 12.34
CA GLN A 180 5.49 -13.33 13.72
C GLN A 180 6.43 -12.49 14.58
N ARG A 181 7.39 -11.78 13.95
CA ARG A 181 8.29 -10.87 14.68
C ARG A 181 7.71 -9.46 14.59
N THR A 182 7.61 -8.76 15.72
CA THR A 182 7.17 -7.37 15.68
C THR A 182 8.41 -6.52 15.84
N ASP A 183 8.52 -5.46 15.02
CA ASP A 183 9.66 -4.55 15.10
C ASP A 183 9.14 -3.25 15.66
N ALA A 184 9.43 -3.01 16.94
CA ALA A 184 8.98 -1.78 17.57
C ALA A 184 9.66 -0.56 16.92
N PRO A 185 8.97 0.58 16.88
CA PRO A 185 9.58 1.78 16.30
C PRO A 185 10.80 2.24 17.05
N LYS A 186 11.82 2.59 16.29
CA LYS A 186 13.03 3.18 16.85
C LYS A 186 12.73 4.68 16.81
N THR A 187 12.71 5.32 17.98
CA THR A 187 12.22 6.71 18.04
C THR A 187 13.30 7.69 18.45
N HIS A 188 13.20 8.92 17.96
CA HIS A 188 14.08 10.00 18.37
C HIS A 188 13.41 11.31 18.03
N MET A 189 13.91 12.38 18.62
CA MET A 189 13.37 13.70 18.33
CA MET A 189 13.41 13.74 18.44
C MET A 189 14.46 14.62 17.77
N THR A 190 14.08 15.40 16.76
CA THR A 190 14.98 16.39 16.15
C THR A 190 14.37 17.78 16.38
N HIS A 191 15.21 18.81 16.24
CA HIS A 191 14.87 20.19 16.51
C HIS A 191 15.35 21.03 15.38
N HIS A 192 14.46 21.87 14.82
CA HIS A 192 14.79 22.69 13.66
C HIS A 192 14.30 24.11 13.89
N ALA A 193 15.22 25.03 14.17
CA ALA A 193 14.81 26.42 14.39
C ALA A 193 14.08 27.00 13.17
N VAL A 194 12.98 27.76 13.40
CA VAL A 194 12.23 28.38 12.30
C VAL A 194 12.39 29.91 12.36
N SER A 195 13.03 30.42 13.42
CA SER A 195 13.35 31.82 13.71
C SER A 195 14.31 31.86 14.89
N ASP A 196 14.62 33.06 15.40
CA ASP A 196 15.49 33.12 16.57
C ASP A 196 14.71 32.88 17.85
N HIS A 197 13.39 32.60 17.73
CA HIS A 197 12.58 32.41 18.96
C HIS A 197 11.51 31.30 18.86
N GLU A 198 11.46 30.54 17.75
CA GLU A 198 10.55 29.40 17.63
C GLU A 198 11.26 28.28 16.93
N ALA A 199 10.82 27.05 17.15
CA ALA A 199 11.44 25.91 16.53
C ALA A 199 10.43 24.81 16.27
N THR A 200 10.71 23.96 15.29
CA THR A 200 9.95 22.76 15.04
C THR A 200 10.59 21.61 15.82
N LEU A 201 9.78 20.84 16.58
CA LEU A 201 10.22 19.58 17.16
C LEU A 201 9.63 18.47 16.30
N ARG A 202 10.46 17.55 15.82
CA ARG A 202 9.96 16.47 14.98
C ARG A 202 10.24 15.14 15.64
N CYS A 203 9.16 14.39 15.87
CA CYS A 203 9.21 13.10 16.53
CA CYS A 203 9.37 13.10 16.51
C CYS A 203 9.22 12.00 15.48
N TRP A 204 10.25 11.19 15.42
CA TRP A 204 10.42 10.15 14.41
C TRP A 204 10.17 8.76 14.94
N ALA A 205 9.51 7.93 14.12
CA ALA A 205 9.34 6.51 14.38
C ALA A 205 9.89 5.81 13.14
N LEU A 206 10.92 5.01 13.30
CA LEU A 206 11.60 4.38 12.18
C LEU A 206 11.68 2.88 12.34
N SER A 207 11.82 2.22 11.18
CA SER A 207 12.11 0.79 11.09
CA SER A 207 12.09 0.81 11.05
C SER A 207 11.11 -0.09 11.81
N PHE A 208 9.81 0.25 11.77
CA PHE A 208 8.84 -0.54 12.49
C PHE A 208 8.02 -1.46 11.58
N TYR A 209 7.43 -2.49 12.22
CA TYR A 209 6.58 -3.43 11.51
C TYR A 209 5.70 -4.10 12.57
N PRO A 210 4.37 -4.22 12.34
CA PRO A 210 3.63 -3.81 11.14
C PRO A 210 3.49 -2.30 11.01
N ALA A 211 2.85 -1.87 9.93
CA ALA A 211 2.73 -0.46 9.58
C ALA A 211 1.86 0.35 10.53
N GLU A 212 0.84 -0.27 11.16
CA GLU A 212 -0.06 0.47 12.04
C GLU A 212 0.70 1.11 13.19
N ILE A 213 0.45 2.41 13.42
CA ILE A 213 1.13 3.15 14.48
C ILE A 213 0.32 4.41 14.75
N THR A 214 0.49 4.97 15.97
CA THR A 214 -0.10 6.26 16.31
C THR A 214 0.97 7.14 16.94
N LEU A 215 1.12 8.35 16.42
CA LEU A 215 1.99 9.38 16.98
C LEU A 215 1.14 10.57 17.36
N THR A 216 1.26 11.02 18.63
CA THR A 216 0.46 12.17 19.07
CA THR A 216 0.45 12.14 19.12
C THR A 216 1.30 13.10 19.91
N TRP A 217 1.03 14.39 19.82
CA TRP A 217 1.72 15.40 20.62
C TRP A 217 0.81 15.82 21.76
N GLN A 218 1.42 16.09 22.91
CA GLN A 218 0.74 16.68 24.04
C GLN A 218 1.54 17.90 24.47
N ARG A 219 0.84 18.90 25.05
CA ARG A 219 1.46 20.08 25.65
CA ARG A 219 1.47 20.07 25.65
C ARG A 219 0.95 20.13 27.09
N ASP A 220 1.85 20.05 28.07
CA ASP A 220 1.48 20.05 29.49
C ASP A 220 0.44 18.94 29.78
N GLY A 221 0.62 17.78 29.12
CA GLY A 221 -0.22 16.61 29.35
C GLY A 221 -1.60 16.58 28.70
N GLU A 222 -1.89 17.52 27.78
CA GLU A 222 -3.15 17.50 27.03
C GLU A 222 -2.82 17.42 25.53
N ASP A 223 -3.66 16.75 24.72
CA ASP A 223 -3.44 16.63 23.29
C ASP A 223 -3.33 17.99 22.62
N GLN A 224 -2.41 18.09 21.67
CA GLN A 224 -2.10 19.27 20.87
C GLN A 224 -2.20 18.89 19.38
N THR A 225 -3.10 19.55 18.64
CA THR A 225 -3.24 19.39 17.19
C THR A 225 -2.90 20.73 16.48
N GLN A 226 -3.09 21.90 17.17
CA GLN A 226 -2.71 23.21 16.57
C GLN A 226 -1.19 23.22 16.31
N ASP A 227 -0.77 23.76 15.17
CA ASP A 227 0.64 23.90 14.82
C ASP A 227 1.37 22.57 14.72
N THR A 228 0.66 21.50 14.34
CA THR A 228 1.27 20.18 14.19
C THR A 228 1.15 19.74 12.76
N GLU A 229 2.00 18.78 12.39
CA GLU A 229 1.98 18.15 11.06
C GLU A 229 2.29 16.67 11.26
N LEU A 230 1.55 15.76 10.58
CA LEU A 230 1.70 14.28 10.68
C LEU A 230 1.76 13.74 9.25
N VAL A 231 2.92 13.14 8.81
CA VAL A 231 3.03 12.58 7.45
C VAL A 231 2.42 11.22 7.44
N GLU A 232 1.98 10.79 6.26
CA GLU A 232 1.45 9.44 6.03
CA GLU A 232 1.44 9.44 6.17
C GLU A 232 2.57 8.41 6.34
N THR A 233 2.21 7.28 6.94
CA THR A 233 3.16 6.20 7.15
C THR A 233 3.70 5.76 5.79
N ARG A 234 5.00 5.56 5.71
CA ARG A 234 5.66 5.33 4.43
C ARG A 234 6.61 4.17 4.51
N PRO A 235 6.80 3.42 3.41
CA PRO A 235 7.70 2.27 3.46
C PRO A 235 9.18 2.69 3.46
N ALA A 236 10.00 2.02 4.26
CA ALA A 236 11.44 2.32 4.21
C ALA A 236 12.09 1.69 2.99
N GLY A 237 11.53 0.59 2.48
CA GLY A 237 12.06 -0.12 1.33
C GLY A 237 12.75 -1.40 1.70
N ASP A 238 12.92 -1.66 3.00
CA ASP A 238 13.51 -2.90 3.50
C ASP A 238 12.45 -3.77 4.21
N GLY A 239 11.17 -3.45 3.99
CA GLY A 239 10.09 -4.17 4.61
C GLY A 239 9.51 -3.51 5.85
N THR A 240 10.21 -2.47 6.38
CA THR A 240 9.73 -1.75 7.57
C THR A 240 9.14 -0.42 7.11
N PHE A 241 8.60 0.33 8.09
CA PHE A 241 7.88 1.56 7.84
C PHE A 241 8.44 2.71 8.66
N GLN A 242 8.04 3.92 8.26
CA GLN A 242 8.49 5.15 8.92
C GLN A 242 7.31 6.10 9.06
N LYS A 243 7.39 6.99 10.06
CA LYS A 243 6.43 8.08 10.18
C LYS A 243 7.07 9.16 11.03
N TRP A 244 6.59 10.39 10.90
CA TRP A 244 6.97 11.44 11.83
C TRP A 244 5.79 12.36 12.10
N VAL A 245 5.89 13.05 13.22
CA VAL A 245 4.94 14.08 13.65
C VAL A 245 5.73 15.28 14.13
N ALA A 246 5.29 16.48 13.84
CA ALA A 246 6.03 17.67 14.24
C ALA A 246 5.13 18.71 14.85
N VAL A 247 5.69 19.56 15.69
CA VAL A 247 4.99 20.68 16.30
C VAL A 247 5.90 21.91 16.30
N VAL A 248 5.35 23.10 16.11
CA VAL A 248 6.10 24.34 16.23
C VAL A 248 5.88 24.89 17.63
N VAL A 249 6.97 25.26 18.29
CA VAL A 249 6.89 25.70 19.69
C VAL A 249 7.67 26.97 19.92
N PRO A 250 7.36 27.74 20.97
CA PRO A 250 8.23 28.88 21.32
C PRO A 250 9.53 28.32 21.88
N SER A 251 10.69 28.85 21.37
CA SER A 251 11.98 28.39 21.87
C SER A 251 12.10 28.62 23.36
N GLY A 252 12.65 27.63 24.08
CA GLY A 252 12.74 27.70 25.52
C GLY A 252 11.63 26.92 26.21
N GLN A 253 10.54 26.63 25.48
CA GLN A 253 9.38 25.94 26.05
C GLN A 253 9.26 24.50 25.61
N GLU A 254 10.36 23.93 25.10
CA GLU A 254 10.32 22.57 24.53
C GLU A 254 9.93 21.51 25.52
N GLN A 255 10.25 21.69 26.81
CA GLN A 255 9.96 20.65 27.81
C GLN A 255 8.47 20.43 28.08
N ARG A 256 7.62 21.39 27.69
CA ARG A 256 6.17 21.24 27.83
C ARG A 256 5.61 20.20 26.87
N TYR A 257 6.35 19.87 25.81
CA TYR A 257 5.82 19.08 24.70
C TYR A 257 6.32 17.64 24.73
N THR A 258 5.38 16.70 24.62
CA THR A 258 5.75 15.29 24.62
C THR A 258 5.13 14.63 23.41
N CYS A 259 5.90 13.69 22.83
CA CYS A 259 5.39 12.90 21.71
C CYS A 259 5.12 11.50 22.25
N HIS A 260 4.00 10.92 21.87
CA HIS A 260 3.51 9.64 22.39
C HIS A 260 3.39 8.69 21.24
N VAL A 261 4.03 7.51 21.38
CA VAL A 261 4.09 6.54 20.29
C VAL A 261 3.43 5.25 20.73
N GLN A 262 2.44 4.83 19.96
CA GLN A 262 1.73 3.56 20.21
C GLN A 262 1.97 2.61 19.05
N HIS A 263 2.29 1.36 19.35
CA HIS A 263 2.56 0.34 18.33
C HIS A 263 2.41 -1.01 18.99
N GLU A 264 2.03 -2.02 18.19
CA GLU A 264 1.85 -3.38 18.65
C GLU A 264 3.15 -3.96 19.27
N GLY A 265 4.31 -3.50 18.81
CA GLY A 265 5.58 -3.99 19.32
C GLY A 265 6.04 -3.35 20.62
N LEU A 266 5.23 -2.40 21.15
CA LEU A 266 5.52 -1.68 22.40
C LEU A 266 4.57 -2.15 23.49
N PRO A 267 5.07 -2.85 24.54
CA PRO A 267 4.17 -3.27 25.63
C PRO A 267 3.45 -2.08 26.29
N LYS A 268 4.15 -0.93 26.36
CA LYS A 268 3.60 0.31 26.88
C LYS A 268 3.93 1.43 25.87
N PRO A 269 3.07 2.43 25.66
CA PRO A 269 3.42 3.49 24.69
C PRO A 269 4.67 4.23 25.15
N LEU A 270 5.44 4.73 24.17
CA LEU A 270 6.64 5.50 24.51
C LEU A 270 6.30 6.98 24.61
N THR A 271 7.04 7.73 25.47
CA THR A 271 6.90 9.17 25.58
C THR A 271 8.28 9.77 25.31
N LEU A 272 8.37 10.75 24.41
CA LEU A 272 9.65 11.39 24.09
C LEU A 272 9.53 12.88 24.35
N ARG A 273 10.64 13.47 24.75
CA ARG A 273 10.78 14.90 24.95
C ARG A 273 12.10 15.30 24.32
N TRP A 274 12.21 16.58 23.95
CA TRP A 274 13.45 17.10 23.37
C TRP A 274 14.58 17.12 24.42
N GLU A 275 15.77 16.63 24.03
CA GLU A 275 16.98 16.63 24.89
C GLU A 275 17.60 18.03 24.74
N PRO A 276 17.52 18.92 25.76
CA PRO A 276 18.07 20.29 25.58
C PRO A 276 19.57 20.36 25.34
N ILE B 1 -12.98 8.60 -11.71
CA ILE B 1 -12.46 9.70 -10.90
C ILE B 1 -10.97 9.92 -11.21
N GLN B 2 -10.49 11.16 -11.05
CA GLN B 2 -9.08 11.51 -11.21
C GLN B 2 -8.63 12.13 -9.87
N ARG B 3 -7.69 11.47 -9.17
CA ARG B 3 -7.17 11.87 -7.85
C ARG B 3 -5.71 12.12 -8.02
N THR B 4 -5.19 13.28 -7.54
CA THR B 4 -3.81 13.70 -7.70
CA THR B 4 -3.80 13.62 -7.77
C THR B 4 -2.85 12.89 -6.80
N PRO B 5 -1.63 12.58 -7.24
CA PRO B 5 -0.71 11.90 -6.30
C PRO B 5 -0.19 12.78 -5.18
N LYS B 6 -0.08 12.19 -4.01
CA LYS B 6 0.62 12.73 -2.85
C LYS B 6 2.04 12.19 -3.01
N ILE B 7 3.04 12.99 -2.65
CA ILE B 7 4.43 12.64 -2.82
C ILE B 7 5.24 12.85 -1.56
N GLN B 8 6.06 11.85 -1.19
CA GLN B 8 7.06 12.04 -0.15
C GLN B 8 8.35 11.57 -0.73
N VAL B 9 9.43 12.34 -0.52
CA VAL B 9 10.79 12.03 -0.98
CA VAL B 9 10.77 11.95 -0.97
C VAL B 9 11.65 11.93 0.28
N TYR B 10 12.37 10.83 0.48
CA TYR B 10 13.06 10.64 1.77
C TYR B 10 14.06 9.53 1.64
N SER B 11 14.96 9.43 2.64
CA SER B 11 15.97 8.38 2.60
C SER B 11 15.53 7.20 3.47
N ARG B 12 16.05 6.01 3.14
CA ARG B 12 15.73 4.83 3.93
C ARG B 12 16.33 4.96 5.33
N HIS B 13 17.59 5.45 5.43
CA HIS B 13 18.29 5.61 6.72
C HIS B 13 18.55 7.08 7.00
N PRO B 14 18.75 7.51 8.28
CA PRO B 14 19.08 8.93 8.54
C PRO B 14 20.32 9.28 7.73
N ALA B 15 20.25 10.40 7.04
CA ALA B 15 21.29 10.75 6.10
C ALA B 15 22.54 11.29 6.76
N GLU B 16 23.68 10.86 6.23
CA GLU B 16 25.02 11.34 6.65
C GLU B 16 25.78 11.59 5.35
N ASN B 17 26.34 12.79 5.19
CA ASN B 17 27.08 13.06 3.95
C ASN B 17 28.24 12.09 3.78
N GLY B 18 28.36 11.56 2.58
CA GLY B 18 29.40 10.61 2.22
C GLY B 18 29.10 9.16 2.54
N LYS B 19 27.93 8.88 3.18
CA LYS B 19 27.57 7.50 3.51
C LYS B 19 26.42 7.00 2.66
N SER B 20 26.60 5.87 1.97
CA SER B 20 25.59 5.34 1.06
CA SER B 20 25.59 5.34 1.06
C SER B 20 24.28 5.03 1.76
N ASN B 21 23.21 5.15 0.98
CA ASN B 21 21.87 5.08 1.51
C ASN B 21 20.96 4.78 0.32
N PHE B 22 19.65 4.95 0.52
CA PHE B 22 18.65 4.68 -0.51
C PHE B 22 17.69 5.83 -0.55
N LEU B 23 17.42 6.37 -1.75
CA LEU B 23 16.52 7.47 -1.96
C LEU B 23 15.17 6.90 -2.39
N ASN B 24 14.12 7.30 -1.69
CA ASN B 24 12.75 6.84 -1.95
C ASN B 24 11.85 7.98 -2.38
N CYS B 25 10.96 7.67 -3.35
CA CYS B 25 9.87 8.54 -3.69
C CYS B 25 8.60 7.70 -3.58
N TYR B 26 7.78 8.01 -2.59
CA TYR B 26 6.54 7.30 -2.34
C TYR B 26 5.40 8.14 -2.86
N VAL B 27 4.68 7.57 -3.86
CA VAL B 27 3.53 8.25 -4.48
CA VAL B 27 3.56 8.24 -4.51
C VAL B 27 2.28 7.49 -4.13
N SER B 28 1.25 8.20 -3.68
CA SER B 28 0.06 7.54 -3.20
C SER B 28 -1.17 8.41 -3.41
N GLY B 29 -2.34 7.81 -3.23
CA GLY B 29 -3.60 8.53 -3.31
C GLY B 29 -4.04 8.93 -4.71
N PHE B 30 -3.47 8.32 -5.77
CA PHE B 30 -3.78 8.70 -7.13
C PHE B 30 -4.67 7.71 -7.88
N HIS B 31 -5.35 8.23 -8.91
CA HIS B 31 -6.17 7.43 -9.79
C HIS B 31 -6.31 8.22 -11.07
N PRO B 32 -6.12 7.63 -12.27
CA PRO B 32 -5.83 6.23 -12.57
C PRO B 32 -4.38 5.88 -12.28
N SER B 33 -4.00 4.61 -12.49
CA SER B 33 -2.69 4.13 -12.10
C SER B 33 -1.52 4.56 -12.96
N ASP B 34 -1.76 4.91 -14.24
CA ASP B 34 -0.62 5.30 -15.08
C ASP B 34 0.03 6.58 -14.51
N ILE B 35 1.35 6.53 -14.33
CA ILE B 35 2.05 7.64 -13.69
C ILE B 35 3.49 7.57 -14.15
N GLU B 36 4.16 8.74 -14.15
CA GLU B 36 5.58 8.78 -14.52
C GLU B 36 6.31 9.34 -13.31
N VAL B 37 7.31 8.61 -12.81
CA VAL B 37 8.08 9.05 -11.66
C VAL B 37 9.54 8.90 -11.97
N ASP B 38 10.31 9.98 -11.75
CA ASP B 38 11.76 9.94 -11.87
C ASP B 38 12.39 10.46 -10.60
N LEU B 39 13.56 9.91 -10.27
CA LEU B 39 14.38 10.47 -9.19
C LEU B 39 15.45 11.28 -9.91
N LEU B 40 15.74 12.48 -9.39
CA LEU B 40 16.70 13.41 -9.99
C LEU B 40 17.89 13.66 -9.11
N LYS B 41 19.04 13.83 -9.74
CA LYS B 41 20.28 14.21 -9.07
C LYS B 41 20.70 15.47 -9.81
N ASN B 42 20.66 16.62 -9.15
CA ASN B 42 21.02 17.93 -9.73
C ASN B 42 20.20 18.22 -10.98
N GLY B 43 18.90 17.94 -10.89
CA GLY B 43 17.93 18.16 -11.96
C GLY B 43 17.91 17.15 -13.09
N GLU B 44 18.83 16.17 -13.09
CA GLU B 44 18.96 15.13 -14.11
C GLU B 44 18.42 13.78 -13.66
N ARG B 45 17.77 13.05 -14.56
CA ARG B 45 17.17 11.76 -14.30
C ARG B 45 18.20 10.70 -13.90
N ILE B 46 17.95 10.00 -12.79
CA ILE B 46 18.80 8.91 -12.37
C ILE B 46 18.32 7.68 -13.15
N GLU B 47 19.25 6.95 -13.75
CA GLU B 47 18.86 5.84 -14.62
C GLU B 47 18.49 4.55 -13.93
N LYS B 48 19.24 4.14 -12.91
CA LYS B 48 18.96 2.84 -12.30
C LYS B 48 17.92 2.98 -11.18
N VAL B 49 16.64 3.19 -11.54
CA VAL B 49 15.56 3.35 -10.54
C VAL B 49 14.57 2.19 -10.66
N GLU B 50 14.24 1.58 -9.52
CA GLU B 50 13.27 0.49 -9.48
C GLU B 50 12.02 0.94 -8.77
N HIS B 51 10.94 0.15 -8.90
CA HIS B 51 9.69 0.46 -8.21
C HIS B 51 8.98 -0.79 -7.77
N SER B 52 8.11 -0.61 -6.78
CA SER B 52 7.31 -1.69 -6.23
C SER B 52 6.18 -2.07 -7.20
N ASP B 53 5.55 -3.19 -6.90
CA ASP B 53 4.41 -3.65 -7.67
C ASP B 53 3.17 -2.87 -7.27
N LEU B 54 2.44 -2.39 -8.26
CA LEU B 54 1.24 -1.59 -8.05
C LEU B 54 0.27 -2.27 -7.07
N SER B 55 -0.17 -1.48 -6.07
CA SER B 55 -1.22 -1.92 -5.15
C SER B 55 -2.06 -0.69 -4.84
N PHE B 56 -3.09 -0.88 -4.00
CA PHE B 56 -4.00 0.20 -3.72
C PHE B 56 -4.57 0.10 -2.33
N SER B 57 -5.13 1.23 -1.90
CA SER B 57 -5.69 1.42 -0.56
CA SER B 57 -5.70 1.36 -0.56
C SER B 57 -7.18 1.11 -0.55
N LYS B 58 -7.81 1.18 0.66
CA LYS B 58 -9.24 0.93 0.86
C LYS B 58 -10.13 1.79 -0.05
N ASP B 59 -9.71 3.04 -0.31
CA ASP B 59 -10.47 3.96 -1.15
C ASP B 59 -10.21 3.79 -2.66
N TRP B 60 -9.47 2.69 -3.02
CA TRP B 60 -9.11 2.30 -4.40
C TRP B 60 -7.97 3.14 -4.97
N SER B 61 -7.44 4.13 -4.25
CA SER B 61 -6.34 4.90 -4.82
CA SER B 61 -6.33 4.93 -4.73
C SER B 61 -5.05 4.09 -4.76
N PHE B 62 -4.21 4.31 -5.75
CA PHE B 62 -2.99 3.55 -5.93
C PHE B 62 -1.80 4.09 -5.17
N TYR B 63 -0.81 3.23 -4.94
CA TYR B 63 0.44 3.68 -4.37
C TYR B 63 1.60 2.88 -4.95
N LEU B 64 2.77 3.55 -5.04
CA LEU B 64 4.01 2.97 -5.54
C LEU B 64 5.18 3.56 -4.79
N LEU B 65 6.22 2.77 -4.63
CA LEU B 65 7.49 3.24 -4.11
C LEU B 65 8.52 3.14 -5.25
N TYR B 66 9.20 4.27 -5.56
CA TYR B 66 10.32 4.30 -6.52
C TYR B 66 11.60 4.50 -5.68
N TYR B 67 12.66 3.78 -6.01
CA TYR B 67 13.84 3.85 -5.16
C TYR B 67 15.12 3.55 -5.90
N THR B 68 16.24 4.05 -5.34
CA THR B 68 17.57 3.80 -5.87
C THR B 68 18.59 4.04 -4.80
N GLU B 69 19.78 3.53 -4.99
CA GLU B 69 20.89 3.80 -4.09
C GLU B 69 21.38 5.21 -4.34
N PHE B 70 21.84 5.90 -3.28
CA PHE B 70 22.43 7.22 -3.44
C PHE B 70 23.35 7.49 -2.30
N THR B 71 24.25 8.47 -2.48
CA THR B 71 25.11 8.90 -1.40
C THR B 71 24.87 10.38 -1.19
N PRO B 72 24.22 10.79 -0.08
CA PRO B 72 24.01 12.23 0.18
C PRO B 72 25.35 12.94 0.28
N THR B 73 25.39 14.19 -0.16
CA THR B 73 26.58 15.05 -0.02
C THR B 73 26.12 16.47 0.29
N GLU B 74 27.07 17.33 0.60
CA GLU B 74 26.78 18.72 0.86
C GLU B 74 26.37 19.43 -0.45
N LYS B 75 26.97 19.04 -1.58
CA LYS B 75 26.76 19.75 -2.84
C LYS B 75 25.60 19.25 -3.71
N ASP B 76 25.21 17.99 -3.58
CA ASP B 76 24.20 17.48 -4.50
C ASP B 76 22.78 17.64 -4.05
N GLU B 77 21.91 17.97 -5.00
CA GLU B 77 20.48 18.15 -4.78
C GLU B 77 19.77 16.92 -5.35
N TYR B 78 18.88 16.33 -4.56
CA TYR B 78 18.08 15.18 -5.01
C TYR B 78 16.63 15.57 -4.99
N ALA B 79 15.83 14.96 -5.88
CA ALA B 79 14.42 15.27 -5.98
C ALA B 79 13.65 14.15 -6.65
N CYS B 80 12.34 14.23 -6.56
CA CYS B 80 11.45 13.30 -7.24
C CYS B 80 10.57 14.14 -8.16
N ARG B 81 10.39 13.68 -9.44
CA ARG B 81 9.58 14.38 -10.44
C ARG B 81 8.43 13.48 -10.86
N VAL B 82 7.22 13.96 -10.69
CA VAL B 82 6.02 13.15 -10.97
C VAL B 82 5.12 13.80 -12.02
N ASN B 83 4.67 12.98 -12.99
CA ASN B 83 3.68 13.43 -13.93
C ASN B 83 2.51 12.46 -13.88
N HIS B 84 1.31 13.02 -14.03
CA HIS B 84 0.08 12.26 -13.94
C HIS B 84 -1.00 13.03 -14.71
N VAL B 85 -2.06 12.33 -15.13
CA VAL B 85 -3.12 13.00 -15.92
C VAL B 85 -3.73 14.18 -15.17
N THR B 86 -3.71 14.16 -13.83
CA THR B 86 -4.24 15.24 -12.98
C THR B 86 -3.32 16.46 -12.91
N LEU B 87 -2.09 16.35 -13.41
CA LEU B 87 -1.13 17.45 -13.35
C LEU B 87 -0.91 18.16 -14.69
N SER B 88 -0.91 19.52 -14.66
CA SER B 88 -0.70 20.38 -15.84
C SER B 88 0.75 20.32 -16.29
N GLN B 89 1.67 20.15 -15.33
CA GLN B 89 3.12 20.12 -15.55
C GLN B 89 3.72 19.12 -14.55
N PRO B 90 4.94 18.56 -14.76
CA PRO B 90 5.52 17.67 -13.73
C PRO B 90 5.72 18.38 -12.39
N LYS B 91 5.46 17.66 -11.30
CA LYS B 91 5.60 18.18 -9.94
C LYS B 91 6.95 17.68 -9.42
N ILE B 92 7.82 18.62 -9.00
CA ILE B 92 9.14 18.29 -8.47
C ILE B 92 9.14 18.55 -6.97
N VAL B 93 9.50 17.52 -6.18
CA VAL B 93 9.61 17.64 -4.73
C VAL B 93 11.08 17.38 -4.39
N LYS B 94 11.72 18.40 -3.77
CA LYS B 94 13.11 18.34 -3.38
C LYS B 94 13.26 17.51 -2.11
N TRP B 95 14.30 16.68 -2.09
CA TRP B 95 14.62 15.90 -0.88
C TRP B 95 15.26 16.80 0.18
N ASP B 96 14.72 16.72 1.39
CA ASP B 96 15.23 17.39 2.58
C ASP B 96 15.48 16.28 3.60
N ARG B 97 16.72 16.08 4.05
CA ARG B 97 17.08 15.02 5.00
C ARG B 97 16.36 15.08 6.31
N ASP B 98 15.78 16.22 6.63
CA ASP B 98 15.03 16.35 7.89
C ASP B 98 13.56 15.98 7.79
N MET B 99 13.14 15.49 6.64
CA MET B 99 11.71 15.16 6.43
C MET B 99 11.42 13.80 5.80
N LEU C 1 -3.04 -18.49 -0.77
CA LEU C 1 -3.55 -19.24 -1.92
C LEU C 1 -4.73 -18.48 -2.54
N LEU C 2 -4.72 -18.33 -3.86
CA LEU C 2 -5.78 -17.63 -4.59
C LEU C 2 -7.09 -18.40 -4.63
N LEU C 3 -8.17 -17.66 -4.92
CA LEU C 3 -9.44 -18.27 -5.25
C LEU C 3 -9.22 -18.96 -6.63
N ASP C 4 -10.11 -19.90 -6.96
CA ASP C 4 -10.02 -20.53 -8.27
C ASP C 4 -10.98 -19.83 -9.24
N ARG C 5 -11.95 -20.55 -9.85
CA ARG C 5 -12.83 -19.93 -10.85
C ARG C 5 -13.60 -18.76 -10.28
N LEU C 6 -13.57 -17.63 -11.02
CA LEU C 6 -14.32 -16.45 -10.68
C LEU C 6 -15.49 -16.33 -11.60
N ASN C 7 -16.56 -15.75 -11.10
CA ASN C 7 -17.75 -15.50 -11.86
CA ASN C 7 -17.76 -15.48 -11.88
C ASN C 7 -17.59 -14.11 -12.49
N GLN C 8 -17.83 -14.01 -13.79
CA GLN C 8 -17.75 -12.72 -14.48
C GLN C 8 -18.92 -11.84 -14.05
N LEU C 9 -18.72 -10.52 -14.15
CA LEU C 9 -19.68 -9.45 -13.78
C LEU C 9 -20.93 -9.45 -14.68
CD CD D . 18.26 22.25 16.04
CD CD E . 7.33 35.08 16.25
CA CA F . 5.15 34.54 15.59
CA CA G . 0.00 15.72 -17.06
C1 EDO H . -16.33 -14.32 -7.41
O1 EDO H . -16.61 -15.51 -8.15
C2 EDO H . -16.86 -13.09 -8.14
O2 EDO H . -16.05 -12.94 -9.32
#